data_2BST
#
_entry.id   2BST
#
_cell.length_a   51.200
_cell.length_b   81.900
_cell.length_c   108.800
_cell.angle_alpha   90.00
_cell.angle_beta   90.00
_cell.angle_gamma   90.00
#
_symmetry.space_group_name_H-M   'P 21 21 21'
#
loop_
_entity.id
_entity.type
_entity.pdbx_description
1 polymer 'HLA CLASS I HISTOCOMPATIBILITY ANTIGEN, B-27 ALPHA CHAIN PRECURSOR'
2 polymer BETA-2-MICROGLOBULIN
3 polymer 'INFLUENZA NUCLEOPROTEIN'
4 water water
#
loop_
_entity_poly.entity_id
_entity_poly.type
_entity_poly.pdbx_seq_one_letter_code
_entity_poly.pdbx_strand_id
1 'polypeptide(L)'
;GSHSMRYFHTSVSRPGRGEPRFITVGYVDDTLFVRFDSDAASPREEPRAPWIEQEGPEYWDRETQICKAKAQTDREDLRT
LLRYYNQSEAGSHTLQNMYGCDVGPDGRLLRGYHQDAYDGKDYIALNEDLSSWTAADTAAQITQRKWEAARVAEQLRAYL
EGECVEWLRRYLENGKETLQRADPPKTHVTHHPISDHEATLRCWALGFYPAEITLTWQRDGEDQTQDTELVETRPAGDRT
FQKWAAVVVPSGEEQRYTCHVQHEGLPKPLTLRWEP
;
A
2 'polypeptide(L)'
;MIQRTPKIQVYSRHPAENGKSNFLNCYVSGFHPSDIEVDLLKNGERIEKVEHSDLSFSKDWSFYLLYYTEFTPTEKDEYA
CRVNHVTLSQPKIVKWDRDM
;
B
3 'polypeptide(L)' SRYWAIRTR C
#
# COMPACT_ATOMS: atom_id res chain seq x y z
N GLY A 1 13.89 -15.55 -5.05
CA GLY A 1 13.74 -15.76 -3.59
C GLY A 1 12.30 -15.99 -3.17
N SER A 2 11.97 -15.55 -1.96
CA SER A 2 10.60 -15.71 -1.43
C SER A 2 9.58 -14.84 -2.13
N HIS A 3 8.32 -15.28 -2.11
CA HIS A 3 7.23 -14.56 -2.75
C HIS A 3 5.98 -14.64 -1.91
N SER A 4 5.04 -13.75 -2.17
CA SER A 4 3.80 -13.73 -1.40
C SER A 4 2.61 -13.34 -2.25
N MET A 5 1.43 -13.70 -1.77
CA MET A 5 0.19 -13.35 -2.46
C MET A 5 -0.71 -12.83 -1.36
N ARG A 6 -1.40 -11.74 -1.61
CA ARG A 6 -2.28 -11.19 -0.58
C ARG A 6 -3.54 -10.65 -1.22
N TYR A 7 -4.63 -10.78 -0.48
CA TYR A 7 -5.92 -10.26 -0.92
C TYR A 7 -6.37 -9.32 0.18
N PHE A 8 -6.53 -8.05 -0.18
CA PHE A 8 -6.96 -7.02 0.76
C PHE A 8 -8.42 -6.66 0.54
N HIS A 9 -9.15 -6.41 1.62
CA HIS A 9 -10.55 -6.04 1.50
C HIS A 9 -10.94 -4.93 2.45
N THR A 10 -11.77 -4.03 1.97
CA THR A 10 -12.24 -2.94 2.81
C THR A 10 -13.73 -2.68 2.60
N SER A 11 -14.47 -2.66 3.69
CA SER A 11 -15.89 -2.39 3.63
C SER A 11 -16.10 -1.16 4.51
N VAL A 12 -16.78 -0.16 3.98
CA VAL A 12 -17.02 1.08 4.71
C VAL A 12 -18.49 1.47 4.63
N SER A 13 -19.17 1.48 5.77
CA SER A 13 -20.58 1.85 5.81
C SER A 13 -20.70 3.37 5.66
N ARG A 14 -21.80 3.81 5.08
CA ARG A 14 -22.06 5.22 4.86
C ARG A 14 -23.56 5.43 5.03
N PRO A 15 -24.04 5.38 6.29
CA PRO A 15 -25.47 5.55 6.61
C PRO A 15 -26.13 6.72 5.89
N GLY A 16 -27.26 6.45 5.25
CA GLY A 16 -27.98 7.49 4.54
C GLY A 16 -27.48 7.67 3.12
N ARG A 17 -26.38 6.98 2.78
CA ARG A 17 -25.82 7.10 1.44
C ARG A 17 -25.68 5.74 0.77
N GLY A 18 -26.65 4.87 0.99
CA GLY A 18 -26.62 3.56 0.36
C GLY A 18 -25.91 2.50 1.17
N GLU A 19 -25.72 1.34 0.54
CA GLU A 19 -25.06 0.20 1.15
C GLU A 19 -23.56 0.42 1.27
N PRO A 20 -22.92 -0.28 2.22
CA PRO A 20 -21.48 -0.15 2.44
C PRO A 20 -20.65 -0.36 1.19
N ARG A 21 -19.64 0.48 1.01
CA ARG A 21 -18.77 0.35 -0.14
C ARG A 21 -17.81 -0.82 0.08
N PHE A 22 -17.49 -1.54 -0.99
CA PHE A 22 -16.59 -2.68 -0.88
C PHE A 22 -15.50 -2.56 -1.93
N ILE A 23 -14.26 -2.76 -1.50
CA ILE A 23 -13.12 -2.67 -2.39
C ILE A 23 -12.12 -3.75 -2.00
N THR A 24 -11.73 -4.56 -2.97
CA THR A 24 -10.75 -5.60 -2.74
C THR A 24 -9.73 -5.59 -3.88
N VAL A 25 -8.48 -5.83 -3.53
CA VAL A 25 -7.40 -5.87 -4.51
C VAL A 25 -6.51 -7.03 -4.16
N GLY A 26 -5.86 -7.58 -5.18
CA GLY A 26 -4.97 -8.71 -4.95
C GLY A 26 -3.58 -8.34 -5.43
N TYR A 27 -2.57 -8.83 -4.71
CA TYR A 27 -1.19 -8.58 -5.08
C TYR A 27 -0.39 -9.85 -5.04
N VAL A 28 0.68 -9.89 -5.81
CA VAL A 28 1.65 -10.97 -5.79
C VAL A 28 2.85 -10.09 -5.49
N ASP A 29 3.50 -10.30 -4.35
CA ASP A 29 4.63 -9.46 -3.96
C ASP A 29 4.12 -8.00 -3.97
N ASP A 30 4.77 -7.11 -4.71
CA ASP A 30 4.30 -5.72 -4.76
C ASP A 30 3.63 -5.38 -6.08
N THR A 31 3.13 -6.39 -6.77
CA THR A 31 2.48 -6.16 -8.05
C THR A 31 0.98 -6.35 -7.90
N LEU A 32 0.20 -5.30 -8.19
CA LEU A 32 -1.24 -5.39 -8.11
C LEU A 32 -1.69 -6.21 -9.33
N PHE A 33 -2.56 -7.21 -9.13
CA PHE A 33 -3.01 -7.99 -10.29
C PHE A 33 -4.52 -8.10 -10.49
N VAL A 34 -5.32 -7.87 -9.44
CA VAL A 34 -6.78 -7.88 -9.58
C VAL A 34 -7.42 -6.84 -8.69
N ARG A 35 -8.60 -6.37 -9.10
CA ARG A 35 -9.34 -5.37 -8.35
C ARG A 35 -10.85 -5.55 -8.52
N PHE A 36 -11.60 -5.13 -7.52
CA PHE A 36 -13.06 -5.19 -7.53
C PHE A 36 -13.53 -4.02 -6.68
N ASP A 37 -14.50 -3.27 -7.20
CA ASP A 37 -15.05 -2.11 -6.50
C ASP A 37 -16.58 -2.16 -6.65
N SER A 38 -17.29 -2.25 -5.52
CA SER A 38 -18.75 -2.32 -5.55
C SER A 38 -19.40 -1.09 -6.18
N ASP A 39 -18.67 0.01 -6.26
CA ASP A 39 -19.23 1.22 -6.84
C ASP A 39 -19.01 1.35 -8.35
N ALA A 40 -18.36 0.37 -8.95
CA ALA A 40 -18.14 0.41 -10.39
C ALA A 40 -19.49 0.19 -11.09
N ALA A 41 -19.66 0.77 -12.27
CA ALA A 41 -20.91 0.65 -13.02
C ALA A 41 -21.47 -0.78 -12.99
N SER A 42 -20.70 -1.74 -13.51
CA SER A 42 -21.11 -3.14 -13.52
C SER A 42 -20.01 -3.92 -12.81
N PRO A 43 -20.05 -3.96 -11.47
CA PRO A 43 -19.08 -4.63 -10.61
C PRO A 43 -18.61 -6.01 -11.04
N ARG A 44 -17.31 -6.13 -11.24
CA ARG A 44 -16.71 -7.38 -11.65
C ARG A 44 -15.22 -7.34 -11.29
N GLU A 45 -14.61 -8.49 -11.02
CA GLU A 45 -13.19 -8.46 -10.72
C GLU A 45 -12.46 -8.25 -12.04
N GLU A 46 -11.57 -7.26 -12.08
CA GLU A 46 -10.83 -6.96 -13.29
C GLU A 46 -9.33 -7.19 -13.15
N PRO A 47 -8.68 -7.59 -14.25
CA PRO A 47 -7.24 -7.84 -14.22
C PRO A 47 -6.51 -6.51 -14.16
N ARG A 48 -5.34 -6.51 -13.53
CA ARG A 48 -4.54 -5.30 -13.44
C ARG A 48 -3.09 -5.63 -13.76
N ALA A 49 -2.87 -6.82 -14.30
CA ALA A 49 -1.53 -7.26 -14.68
C ALA A 49 -1.66 -8.12 -15.93
N PRO A 50 -0.75 -7.93 -16.90
CA PRO A 50 -0.80 -8.70 -18.15
C PRO A 50 -0.77 -10.22 -18.01
N TRP A 51 -0.08 -10.74 -16.98
CA TRP A 51 -0.01 -12.18 -16.82
C TRP A 51 -1.24 -12.87 -16.24
N ILE A 52 -2.23 -12.09 -15.82
CA ILE A 52 -3.45 -12.67 -15.26
C ILE A 52 -4.55 -12.65 -16.31
N GLU A 53 -4.33 -11.90 -17.38
CA GLU A 53 -5.30 -11.77 -18.46
C GLU A 53 -5.61 -13.08 -19.16
N GLN A 54 -4.66 -14.01 -19.17
CA GLN A 54 -4.88 -15.28 -19.83
C GLN A 54 -5.88 -16.19 -19.11
N GLU A 55 -6.13 -15.96 -17.83
CA GLU A 55 -7.08 -16.81 -17.12
C GLU A 55 -8.41 -16.72 -17.86
N GLY A 56 -9.06 -17.86 -18.03
CA GLY A 56 -10.33 -17.91 -18.75
C GLY A 56 -11.58 -17.45 -18.03
N PRO A 57 -12.73 -17.48 -18.72
CA PRO A 57 -14.04 -17.09 -18.20
C PRO A 57 -14.41 -17.66 -16.83
N GLU A 58 -14.19 -18.95 -16.64
CA GLU A 58 -14.52 -19.59 -15.36
C GLU A 58 -13.83 -18.89 -14.20
N TYR A 59 -12.55 -18.59 -14.37
CA TYR A 59 -11.76 -17.92 -13.35
C TYR A 59 -12.42 -16.61 -12.94
N TRP A 60 -12.66 -15.77 -13.93
CA TRP A 60 -13.26 -14.46 -13.67
C TRP A 60 -14.65 -14.51 -13.05
N ASP A 61 -15.47 -15.47 -13.48
CA ASP A 61 -16.81 -15.60 -12.91
C ASP A 61 -16.72 -16.00 -11.46
N ARG A 62 -15.94 -17.05 -11.17
CA ARG A 62 -15.77 -17.51 -9.81
C ARG A 62 -15.27 -16.34 -8.95
N GLU A 63 -14.22 -15.68 -9.39
CA GLU A 63 -13.66 -14.55 -8.67
C GLU A 63 -14.70 -13.45 -8.41
N THR A 64 -15.47 -13.11 -9.45
CA THR A 64 -16.50 -12.09 -9.33
C THR A 64 -17.54 -12.51 -8.29
N GLN A 65 -17.99 -13.75 -8.38
CA GLN A 65 -18.97 -14.24 -7.41
C GLN A 65 -18.41 -14.21 -5.99
N ILE A 66 -17.14 -14.59 -5.83
CA ILE A 66 -16.52 -14.57 -4.51
C ILE A 66 -16.55 -13.15 -3.94
N CYS A 67 -16.09 -12.19 -4.74
CA CYS A 67 -16.07 -10.79 -4.34
C CYS A 67 -17.45 -10.33 -3.90
N LYS A 68 -18.47 -10.66 -4.70
CA LYS A 68 -19.83 -10.27 -4.37
C LYS A 68 -20.30 -10.90 -3.06
N ALA A 69 -20.00 -12.17 -2.86
CA ALA A 69 -20.41 -12.86 -1.63
C ALA A 69 -19.68 -12.23 -0.43
N LYS A 70 -18.42 -11.86 -0.62
CA LYS A 70 -17.65 -11.26 0.46
C LYS A 70 -18.28 -9.92 0.81
N ALA A 71 -18.59 -9.12 -0.20
CA ALA A 71 -19.20 -7.82 0.04
C ALA A 71 -20.49 -7.99 0.84
N GLN A 72 -21.27 -9.02 0.51
CA GLN A 72 -22.51 -9.26 1.22
C GLN A 72 -22.23 -9.62 2.67
N THR A 73 -21.29 -10.53 2.89
CA THR A 73 -20.96 -10.96 4.24
C THR A 73 -20.45 -9.80 5.09
N ASP A 74 -19.62 -8.93 4.50
CA ASP A 74 -19.11 -7.79 5.25
C ASP A 74 -20.26 -6.89 5.70
N ARG A 75 -21.28 -6.75 4.86
CA ARG A 75 -22.44 -5.91 5.19
C ARG A 75 -23.21 -6.47 6.36
N GLU A 76 -23.30 -7.79 6.44
CA GLU A 76 -24.00 -8.43 7.54
C GLU A 76 -23.15 -8.27 8.81
N ASP A 77 -21.83 -8.36 8.66
CA ASP A 77 -20.93 -8.24 9.81
C ASP A 77 -20.85 -6.80 10.35
N LEU A 78 -20.97 -5.80 9.48
CA LEU A 78 -20.93 -4.43 9.96
C LEU A 78 -22.12 -4.18 10.88
N ARG A 79 -23.27 -4.79 10.55
CA ARG A 79 -24.47 -4.64 11.37
C ARG A 79 -24.27 -5.38 12.68
N THR A 80 -23.71 -6.59 12.60
CA THR A 80 -23.46 -7.39 13.79
C THR A 80 -22.50 -6.67 14.75
N LEU A 81 -21.43 -6.10 14.20
CA LEU A 81 -20.46 -5.42 15.02
C LEU A 81 -21.05 -4.20 15.74
N LEU A 82 -22.11 -3.64 15.18
CA LEU A 82 -22.76 -2.50 15.83
C LEU A 82 -23.35 -2.99 17.14
N ARG A 83 -23.89 -4.21 17.12
CA ARG A 83 -24.45 -4.80 18.33
C ARG A 83 -23.34 -5.14 19.31
N TYR A 84 -22.36 -5.91 18.84
CA TYR A 84 -21.23 -6.31 19.68
C TYR A 84 -20.61 -5.11 20.41
N TYR A 85 -20.56 -3.96 19.75
CA TYR A 85 -19.95 -2.78 20.34
C TYR A 85 -20.92 -1.73 20.87
N ASN A 86 -22.21 -2.06 20.91
CA ASN A 86 -23.22 -1.13 21.41
C ASN A 86 -23.09 0.25 20.75
N GLN A 87 -23.02 0.28 19.42
CA GLN A 87 -22.88 1.53 18.69
C GLN A 87 -24.15 1.85 17.89
N SER A 88 -24.38 3.14 17.65
CA SER A 88 -25.55 3.57 16.89
C SER A 88 -25.31 3.29 15.43
N GLU A 89 -26.40 3.22 14.66
CA GLU A 89 -26.30 2.96 13.23
C GLU A 89 -26.10 4.25 12.46
N ALA A 90 -25.98 5.36 13.17
CA ALA A 90 -25.81 6.66 12.55
C ALA A 90 -24.40 6.95 12.04
N GLY A 91 -23.40 6.29 12.61
CA GLY A 91 -22.03 6.55 12.18
C GLY A 91 -21.46 5.59 11.15
N SER A 92 -20.35 6.00 10.54
CA SER A 92 -19.67 5.16 9.55
C SER A 92 -18.63 4.28 10.23
N HIS A 93 -18.53 3.04 9.79
CA HIS A 93 -17.54 2.13 10.37
C HIS A 93 -16.78 1.36 9.28
N THR A 94 -15.62 0.83 9.65
CA THR A 94 -14.79 0.12 8.69
C THR A 94 -14.44 -1.29 9.11
N LEU A 95 -14.44 -2.17 8.12
CA LEU A 95 -14.10 -3.56 8.34
C LEU A 95 -13.02 -3.88 7.30
N GLN A 96 -11.87 -4.35 7.75
CA GLN A 96 -10.76 -4.67 6.87
C GLN A 96 -10.32 -6.11 7.04
N ASN A 97 -10.03 -6.78 5.94
CA ASN A 97 -9.54 -8.15 6.01
C ASN A 97 -8.41 -8.37 5.02
N MET A 98 -7.41 -9.12 5.47
CA MET A 98 -6.25 -9.45 4.65
C MET A 98 -5.98 -10.94 4.84
N TYR A 99 -5.66 -11.64 3.76
CA TYR A 99 -5.31 -13.05 3.88
C TYR A 99 -4.40 -13.42 2.72
N GLY A 100 -3.59 -14.45 2.92
CA GLY A 100 -2.68 -14.86 1.86
C GLY A 100 -1.58 -15.80 2.35
N CYS A 101 -0.60 -16.02 1.50
CA CYS A 101 0.48 -16.93 1.84
C CYS A 101 1.85 -16.47 1.34
N ASP A 102 2.89 -16.98 1.99
CA ASP A 102 4.27 -16.72 1.62
C ASP A 102 4.86 -18.08 1.31
N VAL A 103 5.65 -18.17 0.24
CA VAL A 103 6.30 -19.42 -0.12
C VAL A 103 7.77 -19.13 -0.31
N GLY A 104 8.61 -20.10 0.03
CA GLY A 104 10.05 -19.91 -0.11
C GLY A 104 10.50 -20.10 -1.55
N PRO A 105 11.83 -20.05 -1.80
CA PRO A 105 12.41 -20.21 -3.14
C PRO A 105 12.02 -21.54 -3.78
N ASP A 106 11.78 -22.56 -2.96
CA ASP A 106 11.41 -23.87 -3.45
C ASP A 106 9.90 -24.04 -3.69
N GLY A 107 9.14 -22.95 -3.52
CA GLY A 107 7.70 -23.01 -3.74
C GLY A 107 6.86 -23.60 -2.62
N ARG A 108 7.47 -23.87 -1.47
CA ARG A 108 6.76 -24.43 -0.34
C ARG A 108 6.25 -23.31 0.57
N LEU A 109 5.13 -23.55 1.24
CA LEU A 109 4.53 -22.57 2.13
C LEU A 109 5.39 -22.16 3.31
N LEU A 110 5.70 -20.87 3.41
CA LEU A 110 6.50 -20.38 4.53
C LEU A 110 5.56 -19.95 5.65
N ARG A 111 4.46 -19.30 5.29
CA ARG A 111 3.49 -18.83 6.28
C ARG A 111 2.14 -18.45 5.67
N GLY A 112 1.08 -18.59 6.46
CA GLY A 112 -0.25 -18.24 6.00
C GLY A 112 -0.77 -17.09 6.85
N TYR A 113 -1.70 -16.30 6.31
CA TYR A 113 -2.27 -15.15 7.01
C TYR A 113 -3.80 -15.02 6.82
N HIS A 114 -4.47 -14.47 7.83
CA HIS A 114 -5.91 -14.20 7.78
C HIS A 114 -6.26 -13.40 9.03
N GLN A 115 -6.30 -12.08 8.88
CA GLN A 115 -6.58 -11.19 9.99
C GLN A 115 -7.51 -10.06 9.61
N ASP A 116 -8.38 -9.69 10.54
CA ASP A 116 -9.36 -8.62 10.35
C ASP A 116 -9.10 -7.46 11.30
N ALA A 117 -9.71 -6.33 10.98
CA ALA A 117 -9.61 -5.12 11.79
C ALA A 117 -10.91 -4.37 11.66
N TYR A 118 -11.36 -3.78 12.78
CA TYR A 118 -12.59 -3.00 12.78
C TYR A 118 -12.22 -1.56 13.20
N ASP A 119 -12.59 -0.59 12.36
CA ASP A 119 -12.28 0.81 12.60
C ASP A 119 -10.78 1.05 12.84
N GLY A 120 -9.94 0.35 12.08
CA GLY A 120 -8.50 0.51 12.22
C GLY A 120 -7.80 -0.25 13.35
N LYS A 121 -8.56 -0.97 14.16
CA LYS A 121 -7.95 -1.72 15.25
C LYS A 121 -8.06 -3.23 15.05
N ASP A 122 -7.02 -3.94 15.45
CA ASP A 122 -6.99 -5.39 15.37
C ASP A 122 -8.29 -5.93 15.95
N TYR A 123 -8.89 -6.91 15.26
CA TYR A 123 -10.13 -7.51 15.72
C TYR A 123 -9.86 -8.98 16.02
N ILE A 124 -9.73 -9.79 14.98
CA ILE A 124 -9.43 -11.20 15.16
C ILE A 124 -8.43 -11.63 14.09
N ALA A 125 -7.50 -12.49 14.48
CA ALA A 125 -6.47 -12.96 13.56
C ALA A 125 -6.21 -14.45 13.72
N LEU A 126 -6.00 -15.12 12.60
CA LEU A 126 -5.67 -16.54 12.63
C LEU A 126 -4.19 -16.57 13.04
N ASN A 127 -3.84 -17.45 13.98
CA ASN A 127 -2.44 -17.55 14.40
C ASN A 127 -1.60 -18.28 13.36
N GLU A 128 -0.29 -18.05 13.41
CA GLU A 128 0.63 -18.66 12.45
C GLU A 128 0.51 -20.18 12.38
N ASP A 129 -0.12 -20.78 13.38
CA ASP A 129 -0.30 -22.23 13.39
C ASP A 129 -1.44 -22.64 12.47
N LEU A 130 -2.19 -21.65 11.99
CA LEU A 130 -3.32 -21.89 11.09
C LEU A 130 -4.34 -22.81 11.75
N SER A 131 -4.43 -22.75 13.07
CA SER A 131 -5.36 -23.57 13.81
C SER A 131 -6.01 -22.89 15.01
N SER A 132 -5.43 -21.77 15.46
CA SER A 132 -5.98 -21.05 16.61
C SER A 132 -6.18 -19.57 16.31
N TRP A 133 -6.97 -18.89 17.15
CA TRP A 133 -7.25 -17.47 16.94
C TRP A 133 -6.83 -16.53 18.07
N THR A 134 -6.69 -15.26 17.71
CA THR A 134 -6.35 -14.24 18.68
C THR A 134 -7.37 -13.13 18.52
N ALA A 135 -8.21 -12.96 19.54
CA ALA A 135 -9.25 -11.93 19.57
C ALA A 135 -8.72 -10.72 20.34
N ALA A 136 -8.84 -9.53 19.76
CA ALA A 136 -8.33 -8.34 20.42
C ALA A 136 -9.16 -7.86 21.61
N ASP A 137 -10.41 -8.32 21.69
CA ASP A 137 -11.31 -7.93 22.78
C ASP A 137 -12.47 -8.90 22.93
N THR A 138 -13.32 -8.63 23.93
CA THR A 138 -14.47 -9.49 24.22
C THR A 138 -15.46 -9.58 23.07
N ALA A 139 -15.53 -8.53 22.26
CA ALA A 139 -16.41 -8.53 21.10
C ALA A 139 -15.87 -9.57 20.11
N ALA A 140 -14.57 -9.45 19.81
CA ALA A 140 -13.90 -10.36 18.90
C ALA A 140 -13.96 -11.79 19.42
N GLN A 141 -14.01 -11.94 20.74
CA GLN A 141 -14.10 -13.26 21.32
C GLN A 141 -15.41 -13.94 20.92
N ILE A 142 -16.46 -13.15 20.72
CA ILE A 142 -17.75 -13.72 20.32
C ILE A 142 -17.59 -14.36 18.94
N THR A 143 -16.84 -13.70 18.07
CA THR A 143 -16.59 -14.20 16.73
C THR A 143 -15.72 -15.46 16.84
N GLN A 144 -14.72 -15.42 17.72
CA GLN A 144 -13.83 -16.55 17.92
C GLN A 144 -14.61 -17.80 18.29
N ARG A 145 -15.59 -17.65 19.17
CA ARG A 145 -16.41 -18.78 19.61
C ARG A 145 -17.23 -19.32 18.44
N LYS A 146 -17.74 -18.44 17.58
CA LYS A 146 -18.53 -18.90 16.44
C LYS A 146 -17.66 -19.59 15.40
N TRP A 147 -16.44 -19.09 15.22
CA TRP A 147 -15.54 -19.69 14.24
C TRP A 147 -14.90 -20.98 14.74
N GLU A 148 -14.70 -21.10 16.05
CA GLU A 148 -14.14 -22.33 16.58
C GLU A 148 -15.20 -23.43 16.42
N ALA A 149 -16.42 -23.13 16.85
CA ALA A 149 -17.50 -24.09 16.74
C ALA A 149 -17.74 -24.51 15.29
N ALA A 150 -17.57 -23.57 14.36
CA ALA A 150 -17.78 -23.88 12.94
C ALA A 150 -16.51 -24.38 12.27
N ARG A 151 -15.43 -24.49 13.03
CA ARG A 151 -14.15 -24.95 12.50
C ARG A 151 -13.70 -24.18 11.26
N VAL A 152 -13.60 -22.86 11.38
CA VAL A 152 -13.18 -22.04 10.25
C VAL A 152 -11.68 -22.21 10.00
N ALA A 153 -10.91 -22.30 11.08
CA ALA A 153 -9.46 -22.46 10.98
C ALA A 153 -9.06 -23.63 10.08
N GLU A 154 -9.78 -24.74 10.19
CA GLU A 154 -9.47 -25.91 9.38
C GLU A 154 -9.66 -25.61 7.90
N GLN A 155 -10.75 -24.95 7.56
CA GLN A 155 -11.04 -24.59 6.18
C GLN A 155 -9.97 -23.67 5.64
N LEU A 156 -9.63 -22.63 6.41
CA LEU A 156 -8.62 -21.67 5.99
C LEU A 156 -7.28 -22.34 5.79
N ARG A 157 -6.90 -23.17 6.76
CA ARG A 157 -5.64 -23.88 6.69
C ARG A 157 -5.54 -24.71 5.42
N ALA A 158 -6.62 -25.38 5.05
CA ALA A 158 -6.63 -26.21 3.84
C ALA A 158 -6.44 -25.34 2.59
N TYR A 159 -7.02 -24.15 2.60
CA TYR A 159 -6.88 -23.24 1.46
C TYR A 159 -5.45 -22.69 1.40
N LEU A 160 -4.99 -22.17 2.54
CA LEU A 160 -3.65 -21.59 2.65
C LEU A 160 -2.54 -22.56 2.31
N GLU A 161 -2.69 -23.82 2.71
CA GLU A 161 -1.66 -24.82 2.44
C GLU A 161 -1.78 -25.40 1.05
N GLY A 162 -2.96 -25.30 0.46
CA GLY A 162 -3.15 -25.87 -0.86
C GLY A 162 -3.29 -24.87 -2.00
N GLU A 163 -4.52 -24.42 -2.22
CA GLU A 163 -4.84 -23.49 -3.30
C GLU A 163 -3.96 -22.24 -3.30
N CYS A 164 -3.88 -21.55 -2.16
CA CYS A 164 -3.09 -20.33 -2.06
C CYS A 164 -1.71 -20.50 -2.68
N VAL A 165 -0.94 -21.44 -2.16
CA VAL A 165 0.39 -21.68 -2.67
C VAL A 165 0.41 -22.24 -4.08
N GLU A 166 -0.61 -23.03 -4.43
CA GLU A 166 -0.68 -23.59 -5.79
C GLU A 166 -0.86 -22.47 -6.81
N TRP A 167 -1.83 -21.60 -6.58
CA TRP A 167 -2.03 -20.51 -7.53
C TRP A 167 -0.89 -19.50 -7.53
N LEU A 168 -0.32 -19.24 -6.37
CA LEU A 168 0.80 -18.31 -6.33
C LEU A 168 1.91 -18.80 -7.27
N ARG A 169 2.27 -20.07 -7.18
CA ARG A 169 3.34 -20.60 -8.06
C ARG A 169 2.96 -20.47 -9.52
N ARG A 170 1.67 -20.67 -9.81
CA ARG A 170 1.19 -20.56 -11.17
C ARG A 170 1.38 -19.11 -11.64
N TYR A 171 0.98 -18.15 -10.82
CA TYR A 171 1.14 -16.74 -11.20
C TYR A 171 2.60 -16.39 -11.42
N LEU A 172 3.46 -16.90 -10.53
CA LEU A 172 4.90 -16.65 -10.60
C LEU A 172 5.51 -17.17 -11.89
N GLU A 173 5.03 -18.33 -12.34
CA GLU A 173 5.53 -18.92 -13.57
C GLU A 173 5.02 -18.11 -14.77
N ASN A 174 3.73 -17.78 -14.78
CA ASN A 174 3.14 -17.03 -15.88
C ASN A 174 3.65 -15.60 -16.01
N GLY A 175 3.97 -14.97 -14.88
CA GLY A 175 4.46 -13.60 -14.94
C GLY A 175 5.92 -13.52 -14.54
N LYS A 176 6.67 -14.58 -14.82
CA LYS A 176 8.07 -14.63 -14.45
C LYS A 176 8.89 -13.48 -15.05
N GLU A 177 8.52 -13.05 -16.24
CA GLU A 177 9.21 -11.93 -16.87
C GLU A 177 9.28 -10.72 -15.93
N THR A 178 8.24 -10.54 -15.13
CA THR A 178 8.17 -9.42 -14.21
C THR A 178 8.22 -9.78 -12.72
N LEU A 179 7.45 -10.80 -12.31
CA LEU A 179 7.42 -11.17 -10.90
C LEU A 179 8.74 -11.75 -10.42
N GLN A 180 9.51 -12.35 -11.33
CA GLN A 180 10.78 -12.92 -10.94
C GLN A 180 11.97 -12.11 -11.44
N ARG A 181 11.79 -10.79 -11.54
CA ARG A 181 12.87 -9.91 -11.98
C ARG A 181 12.96 -8.77 -10.99
N ALA A 182 14.16 -8.52 -10.49
CA ALA A 182 14.38 -7.44 -9.55
C ALA A 182 15.00 -6.25 -10.28
N ASP A 183 14.43 -5.06 -10.11
CA ASP A 183 14.99 -3.88 -10.75
C ASP A 183 15.76 -3.11 -9.68
N PRO A 184 17.10 -3.13 -9.76
CA PRO A 184 17.94 -2.42 -8.79
C PRO A 184 17.71 -0.92 -8.82
N PRO A 185 17.86 -0.25 -7.69
CA PRO A 185 17.64 1.19 -7.70
C PRO A 185 18.75 1.94 -8.42
N LYS A 186 18.39 3.04 -9.08
CA LYS A 186 19.36 3.90 -9.72
C LYS A 186 19.54 4.93 -8.60
N THR A 187 20.79 5.15 -8.19
CA THR A 187 21.05 6.07 -7.10
C THR A 187 21.97 7.24 -7.42
N HIS A 188 21.87 8.28 -6.59
CA HIS A 188 22.70 9.47 -6.71
C HIS A 188 22.47 10.33 -5.47
N VAL A 189 23.37 11.28 -5.23
CA VAL A 189 23.24 12.14 -4.07
C VAL A 189 23.16 13.60 -4.47
N THR A 190 22.21 14.32 -3.88
CA THR A 190 22.07 15.75 -4.16
C THR A 190 22.49 16.54 -2.92
N HIS A 191 22.87 17.80 -3.14
CA HIS A 191 23.33 18.68 -2.08
C HIS A 191 22.62 20.02 -2.18
N HIS A 192 21.91 20.40 -1.12
CA HIS A 192 21.15 21.65 -1.10
C HIS A 192 21.57 22.52 0.08
N PRO A 193 22.36 23.57 -0.18
CA PRO A 193 22.81 24.47 0.90
C PRO A 193 21.60 25.09 1.59
N ILE A 194 21.56 25.04 2.91
CA ILE A 194 20.46 25.61 3.67
C ILE A 194 20.81 27.02 4.13
N SER A 195 22.08 27.20 4.48
CA SER A 195 22.58 28.48 4.95
C SER A 195 24.08 28.35 4.89
N ASP A 196 24.80 29.37 5.34
CA ASP A 196 26.26 29.31 5.31
C ASP A 196 26.82 28.27 6.27
N HIS A 197 26.03 27.87 7.26
CA HIS A 197 26.47 26.93 8.28
C HIS A 197 26.11 25.46 8.04
N GLU A 198 25.12 25.21 7.20
CA GLU A 198 24.75 23.82 6.96
C GLU A 198 24.10 23.56 5.61
N ALA A 199 24.00 22.28 5.26
CA ALA A 199 23.44 21.89 3.97
C ALA A 199 22.76 20.53 4.04
N THR A 200 21.90 20.27 3.07
CA THR A 200 21.17 19.01 3.01
C THR A 200 21.78 18.05 2.00
N LEU A 201 21.98 16.82 2.43
CA LEU A 201 22.50 15.80 1.55
C LEU A 201 21.33 14.82 1.41
N ARG A 202 20.87 14.63 0.18
CA ARG A 202 19.75 13.73 -0.05
C ARG A 202 20.20 12.58 -0.93
N CYS A 203 19.96 11.38 -0.43
CA CYS A 203 20.33 10.15 -1.12
C CYS A 203 19.09 9.59 -1.80
N TRP A 204 19.13 9.47 -3.12
CA TRP A 204 17.99 8.97 -3.88
C TRP A 204 18.11 7.53 -4.38
N ALA A 205 16.96 6.84 -4.44
CA ALA A 205 16.86 5.48 -4.95
C ALA A 205 15.61 5.52 -5.83
N LEU A 206 15.78 5.33 -7.14
CA LEU A 206 14.65 5.39 -8.08
C LEU A 206 14.46 4.14 -8.95
N GLY A 207 13.24 3.99 -9.46
CA GLY A 207 12.89 2.88 -10.32
C GLY A 207 13.27 1.49 -9.85
N PHE A 208 13.09 1.19 -8.57
CA PHE A 208 13.43 -0.14 -8.09
C PHE A 208 12.21 -1.01 -7.79
N TYR A 209 12.44 -2.32 -7.80
CA TYR A 209 11.39 -3.31 -7.54
C TYR A 209 12.08 -4.57 -7.07
N PRO A 210 11.56 -5.19 -5.99
CA PRO A 210 10.38 -4.80 -5.21
C PRO A 210 10.61 -3.57 -4.32
N ALA A 211 9.58 -3.18 -3.57
CA ALA A 211 9.62 -2.01 -2.68
C ALA A 211 10.63 -2.09 -1.53
N GLU A 212 10.83 -3.29 -1.01
CA GLU A 212 11.79 -3.49 0.07
C GLU A 212 13.13 -2.86 -0.29
N ILE A 213 13.63 -2.01 0.59
CA ILE A 213 14.90 -1.33 0.36
C ILE A 213 15.35 -0.66 1.65
N THR A 214 16.67 -0.54 1.83
CA THR A 214 17.18 0.13 3.01
C THR A 214 18.14 1.24 2.61
N LEU A 215 17.87 2.44 3.10
CA LEU A 215 18.69 3.61 2.82
C LEU A 215 19.11 4.17 4.16
N THR A 216 20.41 4.39 4.34
CA THR A 216 20.91 4.94 5.60
C THR A 216 22.12 5.83 5.39
N TRP A 217 22.22 6.88 6.21
CA TRP A 217 23.35 7.80 6.15
C TRP A 217 24.27 7.55 7.35
N GLN A 218 25.58 7.60 7.11
CA GLN A 218 26.54 7.43 8.19
C GLN A 218 27.46 8.65 8.26
N ARG A 219 27.78 9.09 9.47
CA ARG A 219 28.68 10.20 9.69
C ARG A 219 29.89 9.51 10.29
N ASP A 220 31.05 9.67 9.67
CA ASP A 220 32.26 9.02 10.17
C ASP A 220 31.98 7.54 10.46
N GLY A 221 31.21 6.90 9.59
CA GLY A 221 30.91 5.49 9.73
C GLY A 221 29.82 5.10 10.72
N GLU A 222 29.19 6.07 11.37
CA GLU A 222 28.14 5.77 12.33
C GLU A 222 26.75 6.10 11.80
N ASP A 223 25.82 5.14 11.94
CA ASP A 223 24.46 5.34 11.48
C ASP A 223 23.83 6.56 12.14
N GLN A 224 23.20 7.40 11.35
CA GLN A 224 22.55 8.60 11.85
C GLN A 224 21.08 8.28 12.04
N THR A 225 20.83 7.13 12.65
CA THR A 225 19.48 6.64 12.89
C THR A 225 18.53 7.65 13.52
N GLN A 226 19.06 8.55 14.34
CA GLN A 226 18.21 9.54 14.99
C GLN A 226 18.26 10.91 14.31
N ASP A 227 19.12 11.06 13.31
CA ASP A 227 19.23 12.35 12.62
C ASP A 227 19.07 12.21 11.11
N THR A 228 18.24 11.27 10.69
CA THR A 228 18.01 11.05 9.27
C THR A 228 16.53 11.19 8.94
N GLU A 229 16.22 11.96 7.92
CA GLU A 229 14.84 12.11 7.50
C GLU A 229 14.62 11.09 6.38
N LEU A 230 13.76 10.11 6.64
CA LEU A 230 13.49 9.06 5.68
C LEU A 230 12.03 9.09 5.25
N VAL A 231 11.75 9.34 3.97
CA VAL A 231 10.36 9.36 3.52
C VAL A 231 9.85 7.96 3.21
N GLU A 232 8.53 7.78 3.27
CA GLU A 232 7.95 6.48 3.00
C GLU A 232 8.23 6.06 1.55
N THR A 233 8.50 4.78 1.36
CA THR A 233 8.74 4.29 0.01
C THR A 233 7.45 4.63 -0.73
N ARG A 234 7.56 5.16 -1.93
CA ARG A 234 6.39 5.55 -2.69
C ARG A 234 6.36 4.94 -4.08
N PRO A 235 5.16 4.77 -4.66
CA PRO A 235 5.06 4.18 -6.00
C PRO A 235 5.29 5.24 -7.07
N ALA A 236 6.12 4.91 -8.06
CA ALA A 236 6.39 5.83 -9.14
C ALA A 236 5.21 5.83 -10.10
N GLY A 237 4.39 4.78 -10.05
CA GLY A 237 3.23 4.68 -10.92
C GLY A 237 3.42 3.75 -12.11
N ASP A 238 4.65 3.28 -12.31
CA ASP A 238 4.97 2.37 -13.42
C ASP A 238 5.42 1.00 -12.91
N ARG A 239 4.98 0.64 -11.70
CA ARG A 239 5.32 -0.61 -11.03
C ARG A 239 6.53 -0.47 -10.12
N THR A 240 7.39 0.50 -10.38
CA THR A 240 8.58 0.70 -9.54
C THR A 240 8.33 1.65 -8.38
N PHE A 241 9.31 1.77 -7.49
CA PHE A 241 9.18 2.64 -6.32
C PHE A 241 10.34 3.62 -6.20
N GLN A 242 10.18 4.57 -5.29
CA GLN A 242 11.19 5.58 -5.05
C GLN A 242 11.28 5.80 -3.55
N LYS A 243 12.38 6.39 -3.10
CA LYS A 243 12.59 6.68 -1.69
C LYS A 243 13.84 7.53 -1.54
N TRP A 244 13.88 8.35 -0.49
CA TRP A 244 15.08 9.13 -0.23
C TRP A 244 15.34 9.32 1.26
N ALA A 245 16.59 9.58 1.59
CA ALA A 245 17.00 9.80 2.97
C ALA A 245 17.79 11.09 2.97
N ALA A 246 17.61 11.91 3.99
CA ALA A 246 18.33 13.17 4.04
C ALA A 246 18.87 13.51 5.42
N VAL A 247 19.98 14.22 5.42
CA VAL A 247 20.61 14.66 6.65
C VAL A 247 21.04 16.11 6.47
N VAL A 248 20.98 16.87 7.55
CA VAL A 248 21.40 18.26 7.55
C VAL A 248 22.82 18.19 8.06
N VAL A 249 23.77 18.53 7.20
CA VAL A 249 25.20 18.46 7.52
C VAL A 249 25.88 19.81 7.72
N PRO A 250 26.94 19.86 8.56
CA PRO A 250 27.63 21.13 8.75
C PRO A 250 28.46 21.38 7.48
N SER A 251 28.35 22.58 6.91
CA SER A 251 29.11 22.90 5.70
C SER A 251 30.59 22.56 5.88
N GLY A 252 31.17 21.92 4.89
CA GLY A 252 32.57 21.54 4.98
C GLY A 252 32.77 20.13 5.47
N GLU A 253 31.73 19.53 6.05
CA GLU A 253 31.85 18.16 6.55
C GLU A 253 31.13 17.16 5.67
N GLU A 254 30.74 17.58 4.47
CA GLU A 254 30.03 16.71 3.54
C GLU A 254 30.70 15.38 3.26
N GLN A 255 32.03 15.37 3.15
CA GLN A 255 32.72 14.13 2.86
C GLN A 255 32.82 13.13 3.99
N ARG A 256 32.27 13.47 5.15
CA ARG A 256 32.30 12.57 6.27
C ARG A 256 31.04 11.69 6.26
N TYR A 257 30.16 11.98 5.30
CA TYR A 257 28.91 11.24 5.16
C TYR A 257 28.89 10.31 3.97
N THR A 258 28.35 9.12 4.19
CA THR A 258 28.20 8.11 3.15
C THR A 258 26.80 7.55 3.20
N CYS A 259 26.20 7.35 2.04
CA CYS A 259 24.87 6.80 1.97
C CYS A 259 25.01 5.34 1.59
N HIS A 260 24.28 4.47 2.29
CA HIS A 260 24.36 3.05 2.03
C HIS A 260 23.04 2.51 1.53
N VAL A 261 23.10 1.78 0.43
CA VAL A 261 21.91 1.24 -0.19
C VAL A 261 21.89 -0.28 -0.29
N GLN A 262 20.81 -0.89 0.18
CA GLN A 262 20.65 -2.32 0.12
C GLN A 262 19.33 -2.62 -0.58
N HIS A 263 19.39 -3.51 -1.57
CA HIS A 263 18.21 -3.92 -2.33
C HIS A 263 18.51 -5.26 -2.99
N GLU A 264 17.53 -6.16 -3.03
CA GLU A 264 17.76 -7.47 -3.62
C GLU A 264 18.24 -7.44 -5.06
N GLY A 265 17.99 -6.33 -5.75
CA GLY A 265 18.42 -6.23 -7.13
C GLY A 265 19.90 -5.87 -7.28
N LEU A 266 20.56 -5.60 -6.17
CA LEU A 266 21.98 -5.25 -6.20
C LEU A 266 22.84 -6.44 -5.78
N PRO A 267 23.92 -6.70 -6.51
CA PRO A 267 24.78 -7.83 -6.13
C PRO A 267 25.46 -7.53 -4.78
N LYS A 268 25.79 -6.27 -4.56
CA LYS A 268 26.44 -5.84 -3.31
C LYS A 268 25.82 -4.53 -2.84
N PRO A 269 25.84 -4.28 -1.52
CA PRO A 269 25.26 -3.02 -1.02
C PRO A 269 26.05 -1.85 -1.59
N LEU A 270 25.36 -0.77 -1.91
CA LEU A 270 26.03 0.39 -2.49
C LEU A 270 26.34 1.44 -1.43
N THR A 271 27.42 2.18 -1.66
CA THR A 271 27.82 3.26 -0.78
C THR A 271 28.05 4.45 -1.68
N LEU A 272 27.36 5.56 -1.41
CA LEU A 272 27.50 6.76 -2.20
C LEU A 272 27.96 7.94 -1.35
N ARG A 273 28.56 8.92 -2.02
CA ARG A 273 29.06 10.13 -1.40
C ARG A 273 28.74 11.27 -2.34
N TRP A 274 28.73 12.49 -1.81
CA TRP A 274 28.47 13.65 -2.65
C TRP A 274 29.79 14.11 -3.25
N GLU A 275 29.77 14.38 -4.54
CA GLU A 275 30.96 14.84 -5.24
C GLU A 275 30.92 16.38 -5.34
N PRO A 276 31.60 17.08 -4.41
CA PRO A 276 31.62 18.54 -4.43
C PRO A 276 32.15 19.10 -5.75
N MET B 1 -12.81 5.62 18.57
CA MET B 1 -12.52 5.71 17.11
C MET B 1 -11.16 6.37 16.86
N ILE B 2 -10.25 5.63 16.24
CA ILE B 2 -8.91 6.14 15.95
C ILE B 2 -8.90 6.97 14.68
N GLN B 3 -8.06 7.99 14.66
CA GLN B 3 -7.94 8.85 13.49
C GLN B 3 -6.49 9.24 13.25
N ARG B 4 -5.97 8.78 12.13
CA ARG B 4 -4.59 9.03 11.76
C ARG B 4 -4.52 9.91 10.52
N THR B 5 -3.84 11.05 10.66
CA THR B 5 -3.69 12.02 9.59
C THR B 5 -2.89 11.43 8.45
N PRO B 6 -3.22 11.81 7.21
CA PRO B 6 -2.47 11.26 6.09
C PRO B 6 -1.11 11.92 5.90
N LYS B 7 -0.13 11.11 5.51
CA LYS B 7 1.19 11.64 5.20
C LYS B 7 1.03 11.94 3.71
N ILE B 8 1.58 13.07 3.26
CA ILE B 8 1.44 13.46 1.86
C ILE B 8 2.78 13.63 1.15
N GLN B 9 2.86 13.16 -0.09
CA GLN B 9 4.06 13.31 -0.91
C GLN B 9 3.66 13.68 -2.32
N VAL B 10 4.19 14.79 -2.83
CA VAL B 10 3.88 15.19 -4.19
C VAL B 10 5.19 15.16 -4.96
N TYR B 11 5.22 14.39 -6.04
CA TYR B 11 6.44 14.23 -6.82
C TYR B 11 6.12 13.82 -8.24
N SER B 12 7.15 13.69 -9.05
CA SER B 12 6.97 13.30 -10.44
C SER B 12 7.47 11.87 -10.64
N ARG B 13 6.91 11.18 -11.63
CA ARG B 13 7.31 9.81 -11.90
C ARG B 13 8.77 9.76 -12.34
N HIS B 14 9.16 10.71 -13.19
CA HIS B 14 10.52 10.78 -13.70
C HIS B 14 11.14 12.11 -13.30
N PRO B 15 12.47 12.23 -13.39
CA PRO B 15 13.09 13.51 -13.02
C PRO B 15 12.48 14.62 -13.89
N ALA B 16 12.12 15.73 -13.27
CA ALA B 16 11.50 16.85 -13.97
C ALA B 16 12.39 17.44 -15.07
N GLU B 17 11.87 17.40 -16.30
CA GLU B 17 12.59 17.95 -17.44
C GLU B 17 11.62 18.86 -18.20
N ASN B 18 11.79 20.16 -18.03
CA ASN B 18 10.92 21.13 -18.70
C ASN B 18 10.64 20.79 -20.15
N GLY B 19 9.39 21.00 -20.57
CA GLY B 19 9.00 20.72 -21.93
C GLY B 19 8.87 19.24 -22.22
N LYS B 20 9.23 18.40 -21.25
CA LYS B 20 9.14 16.95 -21.43
C LYS B 20 7.98 16.37 -20.62
N SER B 21 7.12 15.62 -21.29
CA SER B 21 5.95 15.00 -20.67
C SER B 21 6.34 14.10 -19.49
N ASN B 22 5.49 14.07 -18.46
CA ASN B 22 5.80 13.29 -17.27
C ASN B 22 4.49 12.93 -16.55
N PHE B 23 4.59 12.64 -15.27
CA PHE B 23 3.43 12.31 -14.44
C PHE B 23 3.56 12.94 -13.08
N LEU B 24 2.51 13.63 -12.66
CA LEU B 24 2.51 14.25 -11.35
C LEU B 24 1.79 13.29 -10.41
N ASN B 25 2.44 12.93 -9.31
CA ASN B 25 1.87 12.01 -8.33
C ASN B 25 1.66 12.66 -6.97
N CYS B 26 0.57 12.29 -6.31
CA CYS B 26 0.31 12.75 -4.94
C CYS B 26 -0.04 11.47 -4.21
N TYR B 27 0.90 10.99 -3.41
CA TYR B 27 0.73 9.76 -2.66
C TYR B 27 0.34 10.09 -1.23
N VAL B 28 -0.83 9.62 -0.81
CA VAL B 28 -1.31 9.84 0.55
C VAL B 28 -1.30 8.48 1.25
N SER B 29 -0.78 8.44 2.46
CA SER B 29 -0.72 7.18 3.18
C SER B 29 -0.75 7.35 4.69
N GLY B 30 -0.85 6.22 5.39
CA GLY B 30 -0.88 6.22 6.83
C GLY B 30 -2.12 6.80 7.47
N PHE B 31 -3.18 7.00 6.68
CA PHE B 31 -4.39 7.59 7.21
C PHE B 31 -5.56 6.64 7.53
N HIS B 32 -6.46 7.13 8.38
CA HIS B 32 -7.65 6.38 8.79
C HIS B 32 -8.59 7.39 9.47
N PRO B 33 -9.90 7.35 9.14
CA PRO B 33 -10.59 6.47 8.19
C PRO B 33 -10.24 6.71 6.72
N SER B 34 -10.84 5.89 5.85
CA SER B 34 -10.58 5.94 4.42
C SER B 34 -11.11 7.14 3.64
N ASP B 35 -12.20 7.74 4.11
CA ASP B 35 -12.77 8.90 3.42
C ASP B 35 -11.71 9.98 3.33
N ILE B 36 -11.39 10.38 2.10
CA ILE B 36 -10.38 11.40 1.89
C ILE B 36 -10.57 12.14 0.57
N GLU B 37 -10.14 13.40 0.54
CA GLU B 37 -10.25 14.22 -0.65
C GLU B 37 -8.87 14.70 -1.09
N VAL B 38 -8.54 14.40 -2.34
CA VAL B 38 -7.26 14.79 -2.89
C VAL B 38 -7.45 15.43 -4.25
N ASP B 39 -6.82 16.59 -4.43
CA ASP B 39 -6.90 17.34 -5.69
C ASP B 39 -5.51 17.74 -6.14
N LEU B 40 -5.24 17.61 -7.42
CA LEU B 40 -3.95 18.05 -7.94
C LEU B 40 -4.24 19.46 -8.42
N LEU B 41 -3.29 20.37 -8.25
CA LEU B 41 -3.50 21.75 -8.67
C LEU B 41 -2.41 22.26 -9.62
N LYS B 42 -2.84 23.10 -10.57
CA LYS B 42 -1.92 23.72 -11.52
C LYS B 42 -2.10 25.22 -11.37
N ASN B 43 -1.11 25.88 -10.77
CA ASN B 43 -1.15 27.32 -10.55
C ASN B 43 -2.35 27.70 -9.68
N GLY B 44 -2.68 26.85 -8.72
CA GLY B 44 -3.80 27.14 -7.83
C GLY B 44 -5.15 26.59 -8.26
N GLU B 45 -5.27 26.18 -9.52
CA GLU B 45 -6.53 25.65 -10.03
C GLU B 45 -6.54 24.13 -10.16
N ARG B 46 -7.65 23.52 -9.76
CA ARG B 46 -7.79 22.07 -9.82
C ARG B 46 -7.64 21.51 -11.22
N ILE B 47 -6.87 20.43 -11.32
CA ILE B 47 -6.64 19.76 -12.60
C ILE B 47 -7.83 18.83 -12.79
N GLU B 48 -8.23 18.61 -14.05
CA GLU B 48 -9.36 17.74 -14.36
C GLU B 48 -8.83 16.40 -14.89
N LYS B 49 -9.61 15.35 -14.70
CA LYS B 49 -9.22 14.02 -15.16
C LYS B 49 -8.00 13.45 -14.45
N VAL B 50 -8.06 13.46 -13.12
CA VAL B 50 -7.00 12.92 -12.29
C VAL B 50 -7.42 11.52 -11.90
N GLU B 51 -6.56 10.53 -12.17
CA GLU B 51 -6.89 9.15 -11.83
C GLU B 51 -6.33 8.78 -10.47
N HIS B 52 -6.78 7.66 -9.92
CA HIS B 52 -6.28 7.21 -8.63
C HIS B 52 -6.41 5.71 -8.45
N SER B 53 -5.43 5.16 -7.74
CA SER B 53 -5.37 3.74 -7.45
C SER B 53 -6.53 3.32 -6.55
N ASP B 54 -6.80 2.02 -6.50
CA ASP B 54 -7.87 1.50 -5.67
C ASP B 54 -7.41 1.42 -4.22
N LEU B 55 -8.29 1.80 -3.31
CA LEU B 55 -8.00 1.78 -1.89
C LEU B 55 -7.34 0.48 -1.42
N SER B 56 -6.24 0.62 -0.71
CA SER B 56 -5.51 -0.51 -0.15
C SER B 56 -4.94 -0.03 1.19
N PHE B 57 -4.39 -0.95 1.98
CA PHE B 57 -3.86 -0.58 3.29
C PHE B 57 -2.56 -1.30 3.64
N SER B 58 -1.82 -0.74 4.59
CA SER B 58 -0.56 -1.32 5.04
C SER B 58 -0.76 -2.25 6.22
N LYS B 59 0.33 -2.84 6.71
CA LYS B 59 0.27 -3.79 7.83
C LYS B 59 -0.42 -3.27 9.09
N ASP B 60 -0.29 -1.97 9.36
CA ASP B 60 -0.92 -1.38 10.54
C ASP B 60 -2.36 -0.97 10.21
N TRP B 61 -2.87 -1.45 9.07
CA TRP B 61 -4.23 -1.19 8.61
C TRP B 61 -4.48 0.22 8.05
N SER B 62 -3.48 1.10 8.12
CA SER B 62 -3.65 2.45 7.61
C SER B 62 -3.73 2.38 6.08
N PHE B 63 -4.57 3.24 5.51
CA PHE B 63 -4.79 3.29 4.07
C PHE B 63 -3.75 4.10 3.30
N TYR B 64 -3.66 3.81 2.00
CA TYR B 64 -2.78 4.54 1.11
C TYR B 64 -3.42 4.57 -0.28
N LEU B 65 -3.21 5.67 -0.99
CA LEU B 65 -3.76 5.85 -2.33
C LEU B 65 -2.79 6.68 -3.18
N LEU B 66 -2.77 6.40 -4.47
CA LEU B 66 -1.92 7.14 -5.39
C LEU B 66 -2.76 7.92 -6.38
N TYR B 67 -2.67 9.25 -6.32
CA TYR B 67 -3.39 10.12 -7.24
C TYR B 67 -2.35 10.59 -8.23
N TYR B 68 -2.68 10.55 -9.52
CA TYR B 68 -1.73 10.96 -10.53
C TYR B 68 -2.38 11.60 -11.74
N THR B 69 -1.55 12.22 -12.56
CA THR B 69 -2.01 12.86 -13.78
C THR B 69 -0.83 13.18 -14.67
N GLU B 70 -1.06 13.10 -15.97
CA GLU B 70 -0.02 13.41 -16.94
C GLU B 70 0.16 14.92 -16.94
N PHE B 71 1.40 15.36 -17.17
CA PHE B 71 1.68 16.79 -17.18
C PHE B 71 3.05 17.05 -17.78
N THR B 72 3.25 18.26 -18.29
CA THR B 72 4.53 18.64 -18.85
C THR B 72 5.03 19.83 -18.07
N PRO B 73 5.96 19.58 -17.13
CA PRO B 73 6.48 20.67 -16.31
C PRO B 73 7.22 21.76 -17.11
N THR B 74 7.18 22.97 -16.58
CA THR B 74 7.84 24.11 -17.19
C THR B 74 8.51 24.92 -16.07
N GLU B 75 9.22 25.96 -16.47
CA GLU B 75 9.92 26.82 -15.51
C GLU B 75 8.95 27.56 -14.59
N LYS B 76 7.89 28.11 -15.19
CA LYS B 76 6.90 28.91 -14.47
C LYS B 76 5.78 28.19 -13.72
N ASP B 77 5.14 27.23 -14.36
CA ASP B 77 4.03 26.52 -13.74
C ASP B 77 4.30 26.00 -12.33
N GLU B 78 3.31 26.17 -11.46
CA GLU B 78 3.39 25.72 -10.06
C GLU B 78 2.41 24.57 -9.89
N TYR B 79 2.87 23.49 -9.28
CA TYR B 79 2.02 22.33 -9.04
C TYR B 79 1.95 22.02 -7.56
N ALA B 80 0.78 21.56 -7.11
CA ALA B 80 0.59 21.22 -5.71
C ALA B 80 -0.49 20.17 -5.51
N CYS B 81 -0.57 19.65 -4.29
CA CYS B 81 -1.57 18.67 -3.93
C CYS B 81 -2.38 19.27 -2.80
N ARG B 82 -3.70 19.17 -2.86
CA ARG B 82 -4.54 19.69 -1.78
C ARG B 82 -5.29 18.48 -1.22
N VAL B 83 -5.15 18.28 0.09
CA VAL B 83 -5.77 17.14 0.75
C VAL B 83 -6.70 17.53 1.90
N ASN B 84 -7.88 16.90 1.93
CA ASN B 84 -8.87 17.15 2.97
C ASN B 84 -9.11 15.82 3.68
N HIS B 85 -9.10 15.85 5.01
CA HIS B 85 -9.32 14.64 5.81
C HIS B 85 -9.88 15.03 7.19
N VAL B 86 -10.74 14.18 7.73
CA VAL B 86 -11.37 14.44 9.02
C VAL B 86 -10.38 14.86 10.11
N THR B 87 -9.12 14.48 9.98
CA THR B 87 -8.11 14.83 10.97
C THR B 87 -7.59 16.24 10.72
N LEU B 88 -7.82 16.76 9.52
CA LEU B 88 -7.36 18.09 9.15
C LEU B 88 -8.43 19.16 9.34
N SER B 89 -8.11 20.13 10.19
CA SER B 89 -9.01 21.23 10.48
C SER B 89 -9.32 22.05 9.23
N GLN B 90 -8.45 21.95 8.23
CA GLN B 90 -8.64 22.66 6.98
C GLN B 90 -7.83 21.95 5.89
N PRO B 91 -8.11 22.26 4.61
CA PRO B 91 -7.39 21.63 3.51
C PRO B 91 -5.88 21.88 3.57
N LYS B 92 -5.10 20.81 3.56
CA LYS B 92 -3.65 20.95 3.59
C LYS B 92 -3.16 20.93 2.15
N ILE B 93 -2.34 21.91 1.81
CA ILE B 93 -1.79 22.03 0.46
C ILE B 93 -0.29 21.79 0.47
N VAL B 94 0.16 20.85 -0.35
CA VAL B 94 1.59 20.56 -0.43
C VAL B 94 2.07 20.91 -1.83
N LYS B 95 3.07 21.78 -1.89
CA LYS B 95 3.62 22.23 -3.16
C LYS B 95 4.64 21.25 -3.72
N TRP B 96 4.65 21.11 -5.05
CA TRP B 96 5.59 20.21 -5.70
C TRP B 96 6.95 20.87 -5.68
N ASP B 97 7.96 20.10 -5.31
CA ASP B 97 9.33 20.56 -5.26
C ASP B 97 10.12 19.59 -6.12
N ARG B 98 10.58 20.05 -7.27
CA ARG B 98 11.33 19.17 -8.17
C ARG B 98 12.67 18.75 -7.58
N ASP B 99 12.68 18.43 -6.29
CA ASP B 99 13.88 18.00 -5.59
C ASP B 99 13.48 17.17 -4.37
N MET B 100 12.21 16.75 -4.33
CA MET B 100 11.72 15.94 -3.22
C MET B 100 10.69 14.89 -3.67
N SER C 1 -5.71 -16.90 -6.64
CA SER C 1 -7.13 -17.35 -6.61
C SER C 1 -7.67 -17.21 -5.18
N ARG C 2 -8.83 -16.57 -5.03
CA ARG C 2 -9.44 -16.32 -3.73
C ARG C 2 -10.04 -17.48 -2.96
N TYR C 3 -10.19 -17.26 -1.66
CA TYR C 3 -10.80 -18.22 -0.75
C TYR C 3 -12.30 -18.00 -0.86
N TRP C 4 -13.05 -19.08 -0.93
CA TRP C 4 -14.51 -19.03 -1.06
C TRP C 4 -15.24 -18.92 0.29
N ALA C 5 -15.51 -20.07 0.89
CA ALA C 5 -16.20 -20.20 2.17
C ALA C 5 -16.79 -18.93 2.77
N ILE C 6 -18.11 -18.88 2.86
CA ILE C 6 -18.83 -17.74 3.41
C ILE C 6 -19.07 -17.96 4.91
N ARG C 7 -18.52 -17.10 5.75
CA ARG C 7 -18.74 -17.23 7.19
C ARG C 7 -18.77 -15.87 7.87
N THR C 8 -19.88 -15.58 8.53
CA THR C 8 -20.07 -14.32 9.22
C THR C 8 -19.37 -14.27 10.57
N ARG C 9 -19.10 -13.05 11.02
CA ARG C 9 -18.44 -12.80 12.29
C ARG C 9 -19.44 -12.91 13.44
#